data_4R6F
#
_entry.id   4R6F
#
_cell.length_a   109.135
_cell.length_b   42.571
_cell.length_c   67.607
_cell.angle_alpha   90.00
_cell.angle_beta   102.14
_cell.angle_gamma   90.00
#
_symmetry.space_group_name_H-M   'C 1 2 1'
#
loop_
_entity.id
_entity.type
_entity.pdbx_description
1 polymer 'Leucine rich repeat DLRR_I'
2 water water
#
_entity_poly.entity_id   1
_entity_poly.type   'polypeptide(L)'
_entity_poly.pdbx_seq_one_letter_code
;ATITVSTPIKQIFPDDAFAETIKANLKKKSVTDAVTQNELNSIDQIIANNSDIKSVQGIQYLPNVRYLALGGNKLHDISA
LKELTNLGWLNLSNNQLETLPQGVFEKLTNLTTLNLSNNQLTSLPQGVFERLASLTTLNLSNNNIANINDQMLEGLTNLT
TLNLSHNNLARLWKHANPGGPIYFLKGLTNLTTLNLSSNGFDEIPREVFKDLTSLTTLNLSNNNIANINDQMLEGLTNLT
TLNLSHNNLARLWKHANPGGPIYFLKGLTNLTTLNLSSNGFDEIPREVFKDLTSLTTLNLSNNQLTSLPQGVFERLTNLK
TLNLSNNQLQS
;
_entity_poly.pdbx_strand_id   A
#
# COMPACT_ATOMS: atom_id res chain seq x y z
N THR A 2 -0.42 -34.11 -11.79
CA THR A 2 -1.67 -34.58 -12.47
C THR A 2 -2.40 -35.63 -11.73
N ILE A 3 -3.70 -35.44 -11.56
CA ILE A 3 -4.62 -36.54 -11.14
C ILE A 3 -4.89 -37.52 -12.31
N THR A 4 -4.29 -38.72 -12.24
CA THR A 4 -4.29 -39.62 -13.42
C THR A 4 -5.45 -40.60 -13.43
N VAL A 5 -6.13 -40.75 -12.30
CA VAL A 5 -7.24 -41.61 -12.14
C VAL A 5 -8.36 -40.81 -11.44
N SER A 6 -9.59 -41.20 -11.71
CA SER A 6 -10.76 -40.58 -11.05
C SER A 6 -10.61 -40.74 -9.53
N THR A 7 -10.66 -39.63 -8.80
CA THR A 7 -10.36 -39.48 -7.37
C THR A 7 -11.37 -38.51 -6.72
N PRO A 8 -11.91 -38.89 -5.55
CA PRO A 8 -12.82 -38.06 -4.79
C PRO A 8 -12.17 -36.70 -4.50
N ILE A 9 -12.99 -35.65 -4.64
CA ILE A 9 -12.54 -34.29 -4.36
C ILE A 9 -11.89 -34.27 -2.97
N LYS A 10 -12.53 -34.90 -2.00
CA LYS A 10 -12.06 -34.84 -0.60
C LYS A 10 -10.71 -35.49 -0.39
N GLN A 11 -10.33 -36.39 -1.27
CA GLN A 11 -9.01 -36.98 -1.22
C GLN A 11 -7.93 -36.10 -1.78
N ILE A 12 -8.24 -35.20 -2.67
CA ILE A 12 -7.29 -34.29 -3.25
C ILE A 12 -7.14 -33.00 -2.40
N PHE A 13 -8.25 -32.57 -1.81
CA PHE A 13 -8.30 -31.29 -1.09
C PHE A 13 -8.72 -31.58 0.34
N PRO A 14 -7.76 -31.79 1.22
CA PRO A 14 -8.10 -32.29 2.54
C PRO A 14 -8.72 -31.34 3.48
N ASP A 15 -8.61 -30.03 3.22
CA ASP A 15 -9.35 -29.01 3.95
C ASP A 15 -10.84 -29.05 3.63
N ASP A 16 -11.69 -29.32 4.63
CA ASP A 16 -13.12 -29.40 4.35
C ASP A 16 -13.67 -28.21 3.60
N ALA A 17 -13.31 -27.01 4.03
CA ALA A 17 -13.82 -25.82 3.41
C ALA A 17 -13.33 -25.66 1.96
N PHE A 18 -12.07 -25.98 1.71
CA PHE A 18 -11.56 -25.86 0.38
C PHE A 18 -12.19 -26.92 -0.52
N ALA A 19 -12.31 -28.16 0.00
CA ALA A 19 -13.03 -29.23 -0.79
C ALA A 19 -14.41 -28.75 -1.23
N GLU A 20 -15.14 -28.10 -0.31
CA GLU A 20 -16.46 -27.52 -0.63
C GLU A 20 -16.35 -26.48 -1.70
N THR A 21 -15.29 -25.64 -1.64
CA THR A 21 -15.04 -24.66 -2.66
C THR A 21 -14.88 -25.25 -4.04
N ILE A 22 -14.08 -26.32 -4.16
CA ILE A 22 -13.84 -26.92 -5.43
C ILE A 22 -15.19 -27.57 -5.94
N LYS A 23 -15.89 -28.26 -5.05
CA LYS A 23 -17.19 -28.85 -5.36
C LYS A 23 -18.13 -27.84 -5.96
N ALA A 24 -18.23 -26.69 -5.32
CA ALA A 24 -19.09 -25.61 -5.79
C ALA A 24 -18.65 -25.05 -7.13
N ASN A 25 -17.33 -24.88 -7.29
CA ASN A 25 -16.81 -24.36 -8.54
C ASN A 25 -17.21 -25.26 -9.73
N LEU A 26 -17.02 -26.56 -9.53
CA LEU A 26 -17.23 -27.57 -10.53
C LEU A 26 -18.72 -27.96 -10.67
N LYS A 27 -19.54 -27.42 -9.79
CA LYS A 27 -21.00 -27.73 -9.64
C LYS A 27 -21.25 -29.21 -9.44
N LYS A 28 -20.39 -29.85 -8.68
CA LYS A 28 -20.60 -31.22 -8.27
C LYS A 28 -21.58 -31.30 -7.11
N LYS A 29 -22.20 -32.45 -6.94
CA LYS A 29 -23.17 -32.59 -5.82
C LYS A 29 -22.54 -32.88 -4.49
N SER A 30 -21.36 -33.52 -4.43
CA SER A 30 -20.76 -33.90 -3.17
C SER A 30 -19.25 -33.80 -3.24
N VAL A 31 -18.62 -33.56 -2.12
CA VAL A 31 -17.10 -33.63 -2.05
C VAL A 31 -16.60 -35.09 -2.21
N THR A 32 -17.49 -36.12 -2.13
CA THR A 32 -17.06 -37.47 -2.35
C THR A 32 -17.07 -37.79 -3.86
N ASP A 33 -17.69 -36.92 -4.66
CA ASP A 33 -17.67 -37.05 -6.11
C ASP A 33 -16.24 -37.07 -6.63
N ALA A 34 -16.03 -37.92 -7.62
CA ALA A 34 -14.71 -38.13 -8.21
C ALA A 34 -14.47 -37.17 -9.35
N VAL A 35 -13.22 -36.72 -9.49
CA VAL A 35 -12.82 -35.79 -10.52
C VAL A 35 -11.60 -36.34 -11.21
N THR A 36 -11.35 -35.84 -12.41
CA THR A 36 -10.30 -36.11 -13.31
C THR A 36 -9.49 -34.86 -13.47
N GLN A 37 -8.26 -35.00 -13.95
CA GLN A 37 -7.47 -33.81 -14.19
C GLN A 37 -8.12 -32.94 -15.25
N ASN A 38 -8.71 -33.54 -16.28
CA ASN A 38 -9.40 -32.75 -17.27
C ASN A 38 -10.44 -31.77 -16.63
N GLU A 39 -11.17 -32.18 -15.58
CA GLU A 39 -12.11 -31.25 -14.91
C GLU A 39 -11.34 -30.20 -14.11
N LEU A 40 -10.27 -30.63 -13.42
CA LEU A 40 -9.47 -29.65 -12.64
C LEU A 40 -8.78 -28.68 -13.55
N ASN A 41 -8.44 -29.07 -14.77
CA ASN A 41 -7.84 -28.18 -15.72
C ASN A 41 -8.77 -26.98 -16.15
N SER A 42 -10.05 -27.19 -16.04
CA SER A 42 -11.10 -26.24 -16.42
C SER A 42 -11.26 -25.13 -15.38
N ILE A 43 -10.62 -25.27 -14.21
CA ILE A 43 -10.75 -24.27 -13.16
C ILE A 43 -9.75 -23.16 -13.37
N ASP A 44 -10.23 -21.95 -13.69
CA ASP A 44 -9.30 -20.83 -13.88
C ASP A 44 -9.51 -19.70 -12.87
N GLN A 45 -10.52 -19.80 -12.04
CA GLN A 45 -10.81 -18.80 -11.01
C GLN A 45 -11.32 -19.47 -9.79
N ILE A 46 -10.82 -19.06 -8.64
CA ILE A 46 -11.38 -19.48 -7.37
C ILE A 46 -11.63 -18.21 -6.57
N ILE A 47 -12.89 -18.01 -6.23
CA ILE A 47 -13.27 -16.88 -5.42
C ILE A 47 -13.85 -17.45 -4.12
N ALA A 48 -13.03 -17.44 -3.06
CA ALA A 48 -13.34 -18.04 -1.84
C ALA A 48 -12.79 -17.24 -0.67
N ASN A 49 -13.03 -15.96 -0.74
CA ASN A 49 -12.79 -15.11 0.46
C ASN A 49 -13.69 -15.53 1.64
N ASN A 50 -13.20 -15.40 2.89
CA ASN A 50 -14.05 -15.52 4.05
C ASN A 50 -14.76 -16.83 4.17
N SER A 51 -14.01 -17.90 3.97
CA SER A 51 -14.57 -19.24 3.75
C SER A 51 -14.04 -20.22 4.77
N ASP A 52 -13.37 -19.72 5.81
CA ASP A 52 -12.74 -20.60 6.81
C ASP A 52 -11.77 -21.68 6.31
N ILE A 53 -11.08 -21.37 5.23
CA ILE A 53 -10.07 -22.23 4.69
C ILE A 53 -8.78 -22.21 5.52
N LYS A 54 -8.31 -23.39 5.97
CA LYS A 54 -7.07 -23.51 6.70
C LYS A 54 -5.87 -23.94 5.87
N SER A 55 -6.14 -24.56 4.71
CA SER A 55 -5.10 -25.12 3.87
C SER A 55 -5.59 -25.22 2.45
N VAL A 56 -4.78 -24.76 1.53
CA VAL A 56 -5.08 -24.95 0.11
C VAL A 56 -4.37 -26.13 -0.52
N GLN A 57 -3.94 -27.07 0.28
CA GLN A 57 -3.38 -28.31 -0.29
C GLN A 57 -4.30 -28.89 -1.31
N GLY A 58 -3.77 -29.30 -2.46
CA GLY A 58 -4.55 -29.78 -3.58
C GLY A 58 -4.63 -28.75 -4.73
N ILE A 59 -4.38 -27.49 -4.40
CA ILE A 59 -4.47 -26.46 -5.38
C ILE A 59 -3.36 -26.61 -6.40
N GLN A 60 -2.30 -27.36 -6.06
CA GLN A 60 -1.25 -27.69 -7.03
C GLN A 60 -1.79 -28.36 -8.30
N TYR A 61 -2.92 -29.00 -8.18
CA TYR A 61 -3.57 -29.64 -9.30
C TYR A 61 -4.48 -28.72 -10.13
N LEU A 62 -4.37 -27.41 -9.94
CA LEU A 62 -5.15 -26.45 -10.71
C LEU A 62 -4.23 -25.56 -11.53
N PRO A 63 -3.52 -26.15 -12.52
CA PRO A 63 -2.44 -25.42 -13.13
C PRO A 63 -2.90 -24.13 -13.86
N ASN A 64 -4.14 -24.13 -14.19
CA ASN A 64 -4.67 -22.98 -14.99
C ASN A 64 -5.35 -21.93 -14.18
N VAL A 65 -5.23 -22.00 -12.84
CA VAL A 65 -5.77 -20.92 -12.04
C VAL A 65 -5.09 -19.58 -12.37
N ARG A 66 -5.93 -18.57 -12.69
CA ARG A 66 -5.51 -17.22 -12.95
C ARG A 66 -5.91 -16.23 -11.86
N TYR A 67 -7.12 -16.35 -11.36
CA TYR A 67 -7.64 -15.42 -10.34
C TYR A 67 -7.95 -16.17 -9.09
N LEU A 68 -7.29 -15.76 -8.01
CA LEU A 68 -7.39 -16.51 -6.77
C LEU A 68 -7.66 -15.54 -5.64
N ALA A 69 -8.87 -15.59 -5.12
CA ALA A 69 -9.28 -14.77 -4.03
C ALA A 69 -9.45 -15.62 -2.77
N LEU A 70 -8.53 -15.46 -1.82
CA LEU A 70 -8.50 -16.26 -0.58
C LEU A 70 -8.35 -15.35 0.65
N GLY A 71 -8.87 -14.12 0.58
CA GLY A 71 -8.80 -13.19 1.72
C GLY A 71 -9.72 -13.68 2.82
N GLY A 72 -9.34 -13.42 4.07
CA GLY A 72 -10.25 -13.64 5.16
C GLY A 72 -10.38 -15.14 5.51
N ASN A 73 -9.32 -15.93 5.28
CA ASN A 73 -9.36 -17.33 5.66
C ASN A 73 -8.36 -17.52 6.80
N LYS A 74 -7.86 -18.73 6.97
CA LYS A 74 -6.98 -19.04 8.06
C LYS A 74 -5.68 -19.59 7.61
N LEU A 75 -5.23 -19.11 6.47
CA LEU A 75 -4.01 -19.68 5.88
C LEU A 75 -2.75 -19.29 6.61
N HIS A 76 -1.83 -20.23 6.82
CA HIS A 76 -0.52 -19.92 7.28
C HIS A 76 0.58 -20.33 6.34
N ASP A 77 0.25 -21.10 5.33
CA ASP A 77 1.23 -21.59 4.40
C ASP A 77 0.73 -21.43 2.98
N ILE A 78 1.52 -20.84 2.08
CA ILE A 78 1.15 -20.64 0.67
C ILE A 78 2.14 -21.30 -0.31
N SER A 79 2.95 -22.21 0.20
CA SER A 79 3.91 -22.83 -0.68
C SER A 79 3.26 -23.63 -1.78
N ALA A 80 2.03 -24.10 -1.57
CA ALA A 80 1.28 -24.79 -2.63
C ALA A 80 0.98 -23.90 -3.87
N LEU A 81 1.21 -22.60 -3.79
CA LEU A 81 0.97 -21.73 -4.94
C LEU A 81 2.15 -21.61 -5.87
N LYS A 82 3.31 -22.13 -5.49
CA LYS A 82 4.54 -21.71 -6.16
C LYS A 82 4.61 -22.09 -7.62
N GLU A 83 3.91 -23.13 -8.08
CA GLU A 83 3.99 -23.53 -9.49
C GLU A 83 2.76 -23.09 -10.31
N LEU A 84 1.93 -22.22 -9.75
CA LEU A 84 0.68 -21.74 -10.39
C LEU A 84 1.02 -20.54 -11.29
N THR A 85 1.73 -20.87 -12.36
CA THR A 85 2.34 -19.88 -13.25
C THR A 85 1.34 -19.03 -14.03
N ASN A 86 0.10 -19.43 -14.11
CA ASN A 86 -0.93 -18.58 -14.74
C ASN A 86 -1.58 -17.55 -13.83
N LEU A 87 -1.19 -17.49 -12.57
CA LEU A 87 -1.79 -16.50 -11.64
C LEU A 87 -1.50 -15.07 -12.12
N GLY A 88 -2.58 -14.38 -12.29
CA GLY A 88 -2.69 -12.95 -12.56
C GLY A 88 -3.09 -12.12 -11.37
N TRP A 89 -3.94 -12.68 -10.51
CA TRP A 89 -4.56 -11.90 -9.43
C TRP A 89 -4.60 -12.70 -8.19
N LEU A 90 -3.98 -12.23 -7.11
CA LEU A 90 -3.88 -13.06 -5.91
C LEU A 90 -4.24 -12.22 -4.71
N ASN A 91 -5.29 -12.65 -4.00
CA ASN A 91 -5.67 -12.01 -2.75
C ASN A 91 -5.47 -12.97 -1.60
N LEU A 92 -4.45 -12.67 -0.77
CA LEU A 92 -4.21 -13.41 0.45
C LEU A 92 -4.34 -12.55 1.69
N SER A 93 -5.07 -11.45 1.58
N SER A 93 -5.06 -11.45 1.59
CA SER A 93 -5.36 -10.54 2.73
CA SER A 93 -5.26 -10.55 2.76
C SER A 93 -5.98 -11.29 3.91
C SER A 93 -6.00 -11.24 3.91
N ASN A 94 -5.68 -10.83 5.12
CA ASN A 94 -6.46 -11.19 6.27
C ASN A 94 -6.41 -12.70 6.52
N ASN A 95 -5.19 -13.22 6.48
CA ASN A 95 -4.95 -14.63 6.81
C ASN A 95 -4.06 -14.64 8.02
N GLN A 96 -3.31 -15.71 8.21
CA GLN A 96 -2.40 -15.82 9.36
C GLN A 96 -0.95 -16.04 8.88
N LEU A 97 -0.56 -15.35 7.80
CA LEU A 97 0.74 -15.48 7.25
C LEU A 97 1.76 -14.71 8.10
N GLU A 98 2.73 -15.47 8.62
CA GLU A 98 3.80 -14.89 9.40
C GLU A 98 5.06 -14.76 8.65
N THR A 99 5.26 -15.65 7.68
CA THR A 99 6.40 -15.56 6.78
C THR A 99 5.99 -15.95 5.39
N LEU A 100 6.81 -15.55 4.42
CA LEU A 100 6.69 -15.99 3.06
C LEU A 100 7.84 -16.93 2.73
N PRO A 101 7.54 -18.08 2.13
CA PRO A 101 8.65 -18.95 1.79
C PRO A 101 9.62 -18.36 0.77
N GLN A 102 10.88 -18.75 0.94
CA GLN A 102 11.91 -18.33 0.02
C GLN A 102 11.49 -18.82 -1.35
N GLY A 103 11.44 -17.89 -2.29
CA GLY A 103 11.12 -18.20 -3.64
C GLY A 103 9.67 -18.41 -4.00
N VAL A 104 8.74 -18.22 -3.05
CA VAL A 104 7.36 -18.52 -3.35
C VAL A 104 6.76 -17.85 -4.60
N PHE A 105 7.20 -16.65 -4.92
CA PHE A 105 6.58 -15.95 -6.06
C PHE A 105 7.54 -15.91 -7.26
N GLU A 106 8.58 -16.72 -7.21
CA GLU A 106 9.60 -16.73 -8.27
C GLU A 106 9.04 -17.00 -9.70
N LYS A 107 8.05 -17.88 -9.80
CA LYS A 107 7.53 -18.31 -11.08
C LYS A 107 6.21 -17.61 -11.48
N LEU A 108 5.72 -16.70 -10.64
CA LEU A 108 4.40 -16.03 -10.85
C LEU A 108 4.58 -14.78 -11.64
N THR A 109 5.14 -14.94 -12.83
CA THR A 109 5.52 -13.84 -13.65
C THR A 109 4.37 -13.12 -14.28
N ASN A 110 3.19 -13.67 -14.23
CA ASN A 110 2.01 -13.02 -14.79
C ASN A 110 1.20 -12.27 -13.75
N LEU A 111 1.69 -12.19 -12.52
CA LEU A 111 0.87 -11.57 -11.47
C LEU A 111 0.79 -10.06 -11.65
N THR A 112 -0.42 -9.51 -11.69
CA THR A 112 -0.62 -8.08 -11.71
C THR A 112 -0.99 -7.49 -10.37
N THR A 113 -1.64 -8.27 -9.51
CA THR A 113 -2.16 -7.74 -8.28
C THR A 113 -1.87 -8.72 -7.18
N LEU A 114 -1.18 -8.27 -6.11
CA LEU A 114 -0.77 -9.14 -5.01
C LEU A 114 -1.19 -8.45 -3.71
N ASN A 115 -2.14 -9.01 -2.99
CA ASN A 115 -2.68 -8.46 -1.81
C ASN A 115 -2.28 -9.32 -0.64
N LEU A 116 -1.36 -8.82 0.18
CA LEU A 116 -0.83 -9.53 1.38
C LEU A 116 -1.19 -8.77 2.64
N SER A 117 -2.16 -7.88 2.53
CA SER A 117 -2.49 -7.04 3.69
C SER A 117 -3.11 -7.79 4.86
N ASN A 118 -3.02 -7.22 6.04
CA ASN A 118 -3.71 -7.80 7.23
C ASN A 118 -3.24 -9.21 7.52
N ASN A 119 -1.94 -9.40 7.43
CA ASN A 119 -1.26 -10.61 7.90
C ASN A 119 -0.36 -10.29 9.08
N GLN A 120 0.61 -11.14 9.38
CA GLN A 120 1.55 -10.90 10.51
C GLN A 120 2.97 -10.90 10.04
N LEU A 121 3.20 -10.39 8.86
CA LEU A 121 4.55 -10.38 8.26
C LEU A 121 5.43 -9.41 9.02
N THR A 122 6.70 -9.79 9.25
CA THR A 122 7.63 -8.83 9.89
C THR A 122 8.83 -8.44 9.02
N SER A 123 9.12 -9.31 8.07
CA SER A 123 10.15 -9.00 7.14
C SER A 123 9.79 -9.70 5.82
N LEU A 124 10.50 -9.34 4.77
CA LEU A 124 10.31 -9.93 3.46
C LEU A 124 11.67 -10.57 3.03
N PRO A 125 11.66 -11.85 2.60
CA PRO A 125 12.94 -12.45 2.16
C PRO A 125 13.59 -11.68 1.03
N GLN A 126 14.91 -11.73 0.96
CA GLN A 126 15.62 -11.17 -0.14
C GLN A 126 15.06 -11.72 -1.47
N GLY A 127 14.84 -10.85 -2.45
CA GLY A 127 14.39 -11.26 -3.80
C GLY A 127 12.91 -11.69 -3.86
N VAL A 128 12.11 -11.48 -2.80
CA VAL A 128 10.78 -12.06 -2.78
C VAL A 128 9.87 -11.64 -3.95
N PHE A 129 10.05 -10.45 -4.47
CA PHE A 129 9.20 -9.94 -5.55
C PHE A 129 10.00 -9.72 -6.85
N GLU A 130 11.21 -10.25 -6.92
CA GLU A 130 12.14 -9.78 -7.99
C GLU A 130 11.77 -10.24 -9.38
N ARG A 131 10.89 -11.24 -9.51
CA ARG A 131 10.45 -11.71 -10.83
C ARG A 131 9.10 -11.23 -11.28
N LEU A 132 8.47 -10.36 -10.49
CA LEU A 132 7.09 -9.90 -10.76
C LEU A 132 7.02 -8.73 -11.68
N ALA A 133 7.45 -8.96 -12.93
CA ALA A 133 7.63 -7.88 -13.92
C ALA A 133 6.34 -7.20 -14.31
N SER A 134 5.22 -7.91 -14.23
CA SER A 134 3.96 -7.30 -14.56
C SER A 134 3.10 -6.84 -13.39
N LEU A 135 3.67 -6.87 -12.19
CA LEU A 135 2.96 -6.40 -10.96
C LEU A 135 2.62 -4.92 -11.07
N THR A 136 1.34 -4.57 -10.96
CA THR A 136 0.89 -3.19 -10.93
C THR A 136 0.46 -2.79 -9.52
N THR A 137 0.02 -3.75 -8.67
CA THR A 137 -0.57 -3.42 -7.42
C THR A 137 0.02 -4.34 -6.36
N LEU A 138 0.59 -3.73 -5.34
CA LEU A 138 1.21 -4.43 -4.23
C LEU A 138 0.68 -3.85 -2.92
N ASN A 139 -0.06 -4.66 -2.17
CA ASN A 139 -0.66 -4.20 -0.91
C ASN A 139 -0.06 -5.10 0.20
N LEU A 140 0.75 -4.45 1.03
CA LEU A 140 1.38 -5.01 2.21
C LEU A 140 0.88 -4.32 3.52
N SER A 141 -0.25 -3.61 3.49
CA SER A 141 -0.70 -2.84 4.63
C SER A 141 -1.03 -3.79 5.81
N ASN A 142 -1.00 -3.19 6.99
CA ASN A 142 -1.52 -3.86 8.16
C ASN A 142 -0.79 -5.19 8.37
N ASN A 143 0.53 -5.09 8.39
CA ASN A 143 1.40 -6.19 8.83
C ASN A 143 2.27 -5.63 9.99
N ASN A 144 3.39 -6.23 10.27
CA ASN A 144 4.27 -5.73 11.32
C ASN A 144 5.63 -5.55 10.68
N ILE A 145 5.68 -5.05 9.44
CA ILE A 145 6.90 -5.11 8.64
C ILE A 145 7.85 -4.03 9.12
N ALA A 146 9.05 -4.49 9.53
CA ALA A 146 10.09 -3.59 10.08
C ALA A 146 11.40 -3.67 9.39
N ASN A 147 11.52 -4.63 8.50
CA ASN A 147 12.65 -4.60 7.62
C ASN A 147 12.30 -4.82 6.16
N ILE A 148 12.92 -3.98 5.35
CA ILE A 148 12.80 -3.92 3.95
C ILE A 148 14.29 -3.71 3.64
N ASN A 149 14.83 -4.26 2.57
CA ASN A 149 16.09 -3.61 2.12
C ASN A 149 15.82 -2.85 0.84
N ASP A 150 16.79 -2.10 0.34
CA ASP A 150 16.40 -1.15 -0.70
C ASP A 150 16.16 -1.80 -2.04
N GLN A 151 16.42 -3.09 -2.17
N GLN A 151 16.44 -3.08 -2.13
CA GLN A 151 16.15 -3.80 -3.42
CA GLN A 151 16.19 -3.84 -3.33
C GLN A 151 14.86 -4.63 -3.40
C GLN A 151 14.80 -4.37 -3.49
N MET A 152 14.02 -4.41 -2.39
CA MET A 152 12.73 -5.11 -2.37
C MET A 152 11.87 -4.84 -3.62
N LEU A 153 11.83 -3.60 -4.07
CA LEU A 153 10.91 -3.21 -5.14
C LEU A 153 11.63 -2.92 -6.48
N GLU A 154 12.91 -3.31 -6.59
CA GLU A 154 13.68 -3.04 -7.82
C GLU A 154 13.15 -3.83 -9.02
N GLY A 155 13.12 -3.17 -10.17
CA GLY A 155 12.59 -3.77 -11.39
C GLY A 155 11.12 -4.18 -11.25
N LEU A 156 10.40 -3.59 -10.28
CA LEU A 156 8.91 -3.63 -10.35
C LEU A 156 8.49 -2.41 -11.12
N THR A 157 8.90 -2.36 -12.41
CA THR A 157 8.86 -1.12 -13.19
C THR A 157 7.46 -0.75 -13.53
N ASN A 158 6.55 -1.72 -13.53
CA ASN A 158 5.17 -1.46 -13.80
C ASN A 158 4.28 -1.15 -12.56
N LEU A 159 4.91 -1.11 -11.39
CA LEU A 159 4.12 -0.83 -10.18
C LEU A 159 3.43 0.51 -10.21
N THR A 160 2.13 0.49 -10.04
CA THR A 160 1.34 1.67 -10.01
C THR A 160 0.79 2.00 -8.60
N THR A 161 0.48 1.01 -7.78
CA THR A 161 -0.11 1.24 -6.49
C THR A 161 0.73 0.48 -5.49
N LEU A 162 1.14 1.15 -4.44
CA LEU A 162 1.92 0.55 -3.33
C LEU A 162 1.36 0.97 -2.00
N ASN A 163 0.86 -0.01 -1.23
CA ASN A 163 0.33 0.28 0.10
C ASN A 163 1.19 -0.37 1.15
N LEU A 164 1.93 0.47 1.94
CA LEU A 164 2.74 0.01 3.03
C LEU A 164 2.24 0.55 4.35
N SER A 165 0.99 1.00 4.36
CA SER A 165 0.44 1.60 5.56
C SER A 165 0.30 0.57 6.69
N HIS A 166 0.35 1.09 7.91
CA HIS A 166 0.13 0.25 9.14
C HIS A 166 1.20 -0.83 9.24
N ASN A 167 2.45 -0.40 9.24
CA ASN A 167 3.61 -1.28 9.47
C ASN A 167 4.55 -0.59 10.48
N ASN A 168 5.79 -1.01 10.49
CA ASN A 168 6.76 -0.47 11.46
C ASN A 168 8.01 -0.05 10.78
N LEU A 169 7.88 0.81 9.78
CA LEU A 169 9.02 1.18 8.91
C LEU A 169 9.87 2.36 9.42
N ALA A 170 9.47 2.99 10.52
CA ALA A 170 10.08 4.23 10.97
C ALA A 170 11.59 4.21 11.06
N ARG A 171 12.13 3.14 11.61
CA ARG A 171 13.61 2.93 11.83
C ARG A 171 14.36 3.13 10.54
N LEU A 172 13.77 2.74 9.41
CA LEU A 172 14.49 2.69 8.16
C LEU A 172 14.76 4.04 7.52
N TRP A 173 14.03 5.06 7.92
CA TRP A 173 14.09 6.36 7.41
C TRP A 173 14.73 7.37 8.35
N LYS A 174 15.18 6.90 9.51
CA LYS A 174 15.98 7.74 10.40
C LYS A 174 17.36 8.01 9.78
N HIS A 175 17.83 9.26 9.83
CA HIS A 175 19.07 9.63 9.14
C HIS A 175 20.23 8.87 9.71
N ALA A 176 20.16 8.53 10.99
CA ALA A 176 21.17 7.78 11.67
C ALA A 176 21.04 6.27 11.57
N ASN A 177 20.09 5.75 10.79
CA ASN A 177 19.97 4.30 10.63
C ASN A 177 21.38 3.76 10.21
N PRO A 178 21.88 2.71 10.85
CA PRO A 178 23.20 2.23 10.44
C PRO A 178 23.24 1.83 8.98
N GLY A 179 24.23 2.30 8.25
CA GLY A 179 24.31 2.07 6.81
C GLY A 179 23.56 3.10 6.00
N GLY A 180 22.79 3.96 6.66
CA GLY A 180 22.03 4.97 6.01
C GLY A 180 20.56 4.56 5.89
N PRO A 181 19.72 5.54 5.67
CA PRO A 181 18.30 5.27 5.42
C PRO A 181 18.06 4.47 4.16
N ILE A 182 16.93 3.74 4.17
CA ILE A 182 16.63 2.82 3.06
C ILE A 182 15.76 3.51 1.99
N TYR A 183 16.34 3.70 0.80
CA TYR A 183 15.71 4.38 -0.32
C TYR A 183 14.93 3.36 -1.14
N PHE A 184 13.89 2.79 -0.53
CA PHE A 184 13.20 1.67 -1.15
C PHE A 184 12.20 2.09 -2.22
N LEU A 185 12.08 3.40 -2.53
CA LEU A 185 11.17 3.84 -3.56
C LEU A 185 11.94 4.18 -4.85
N LYS A 186 13.21 3.82 -4.86
CA LYS A 186 14.09 4.06 -6.05
C LYS A 186 13.49 3.44 -7.29
N GLY A 187 13.39 4.26 -8.36
CA GLY A 187 13.11 3.84 -9.71
C GLY A 187 11.69 3.52 -10.06
N LEU A 188 10.74 3.83 -9.14
CA LEU A 188 9.33 3.49 -9.34
C LEU A 188 8.64 4.59 -10.15
N THR A 189 9.08 4.72 -11.40
CA THR A 189 8.65 5.86 -12.22
C THR A 189 7.23 5.82 -12.71
N ASN A 190 6.54 4.66 -12.60
CA ASN A 190 5.14 4.53 -12.95
C ASN A 190 4.16 4.54 -11.76
N LEU A 191 4.72 4.67 -10.56
CA LEU A 191 3.88 4.63 -9.34
C LEU A 191 2.96 5.81 -9.36
N THR A 192 1.66 5.59 -9.19
CA THR A 192 0.71 6.67 -9.03
C THR A 192 0.11 6.83 -7.62
N THR A 193 0.03 5.74 -6.83
CA THR A 193 -0.56 5.80 -5.52
C THR A 193 0.38 5.18 -4.50
N LEU A 194 0.69 5.93 -3.48
CA LEU A 194 1.62 5.51 -2.43
C LEU A 194 1.04 5.80 -1.07
N ASN A 195 0.85 4.76 -0.29
CA ASN A 195 0.29 4.93 1.05
C ASN A 195 1.34 4.51 2.05
N LEU A 196 1.83 5.47 2.85
CA LEU A 196 2.86 5.21 3.84
C LEU A 196 2.33 5.65 5.19
N SER A 197 1.02 5.70 5.31
CA SER A 197 0.43 6.14 6.58
C SER A 197 0.71 5.13 7.72
N SER A 198 0.68 5.62 8.95
CA SER A 198 0.68 4.74 10.19
C SER A 198 1.91 3.88 10.24
N ASN A 199 3.08 4.49 10.12
CA ASN A 199 4.34 3.77 10.22
C ASN A 199 5.29 4.28 11.30
N GLY A 200 4.83 5.27 12.03
CA GLY A 200 5.62 5.98 13.06
C GLY A 200 6.74 6.85 12.51
N PHE A 201 6.74 7.16 11.22
CA PHE A 201 7.83 7.94 10.65
C PHE A 201 8.00 9.29 11.34
N ASP A 202 9.23 9.64 11.71
CA ASP A 202 9.49 10.96 12.21
C ASP A 202 10.47 11.78 11.34
N GLU A 203 11.16 11.09 10.43
CA GLU A 203 12.09 11.69 9.45
C GLU A 203 11.75 11.18 8.04
N ILE A 204 11.96 12.03 7.03
CA ILE A 204 11.70 11.74 5.59
C ILE A 204 13.05 11.99 4.94
N PRO A 205 13.73 10.96 4.46
CA PRO A 205 15.05 11.17 3.87
C PRO A 205 14.97 12.14 2.72
N ARG A 206 16.00 12.98 2.52
CA ARG A 206 15.94 13.86 1.37
C ARG A 206 15.95 13.06 0.08
N GLU A 207 15.19 13.55 -0.90
CA GLU A 207 15.05 12.97 -2.21
C GLU A 207 14.44 11.57 -2.19
N VAL A 208 13.85 11.15 -1.07
CA VAL A 208 13.29 9.79 -1.02
C VAL A 208 12.20 9.58 -2.03
N PHE A 209 11.52 10.65 -2.48
CA PHE A 209 10.45 10.51 -3.45
C PHE A 209 10.83 10.96 -4.86
N LYS A 210 12.11 11.26 -5.06
CA LYS A 210 12.52 11.98 -6.28
C LYS A 210 12.23 11.26 -7.61
N ASP A 211 12.19 9.91 -7.60
CA ASP A 211 11.89 9.13 -8.82
C ASP A 211 10.44 8.94 -9.16
N LEU A 212 9.54 9.37 -8.24
CA LEU A 212 8.14 9.09 -8.35
C LEU A 212 7.43 10.15 -9.19
N THR A 213 7.91 10.30 -10.41
CA THR A 213 7.43 11.34 -11.30
C THR A 213 5.97 11.14 -11.76
N SER A 214 5.40 9.92 -11.70
CA SER A 214 4.00 9.77 -12.00
C SER A 214 3.03 9.85 -10.78
N LEU A 215 3.59 10.14 -9.64
CA LEU A 215 2.80 10.02 -8.38
C LEU A 215 1.67 11.02 -8.40
N THR A 216 0.46 10.52 -8.18
CA THR A 216 -0.76 11.37 -8.05
C THR A 216 -1.29 11.46 -6.62
N THR A 217 -1.04 10.41 -5.80
CA THR A 217 -1.68 10.31 -4.47
C THR A 217 -0.63 9.88 -3.49
N LEU A 218 -0.42 10.70 -2.47
CA LEU A 218 0.58 10.41 -1.44
C LEU A 218 -0.08 10.54 -0.06
N ASN A 219 -0.09 9.45 0.70
CA ASN A 219 -0.73 9.45 2.01
C ASN A 219 0.36 9.19 3.04
N LEU A 220 0.72 10.22 3.82
CA LEU A 220 1.70 10.18 4.88
C LEU A 220 1.02 10.47 6.21
N SER A 221 -0.26 10.23 6.28
CA SER A 221 -1.00 10.47 7.50
C SER A 221 -0.66 9.60 8.69
N ASN A 222 -1.00 10.08 9.89
CA ASN A 222 -0.88 9.27 11.09
C ASN A 222 0.54 8.76 11.26
N ASN A 223 1.46 9.67 11.12
CA ASN A 223 2.83 9.42 11.49
C ASN A 223 3.26 10.42 12.60
N ASN A 224 4.58 10.61 12.73
CA ASN A 224 5.12 11.55 13.73
C ASN A 224 5.95 12.61 13.06
N ILE A 225 5.51 13.04 11.91
CA ILE A 225 6.39 13.82 11.04
C ILE A 225 6.48 15.23 11.55
N ALA A 226 7.71 15.68 11.85
CA ALA A 226 7.87 17.05 12.41
C ALA A 226 8.85 17.92 11.66
N ASN A 227 9.66 17.31 10.83
CA ASN A 227 10.54 18.04 9.89
C ASN A 227 10.33 17.54 8.47
N ILE A 228 10.00 18.52 7.68
CA ILE A 228 9.93 18.44 6.30
C ILE A 228 10.92 19.60 6.06
N ASN A 229 11.61 19.49 4.96
CA ASN A 229 12.25 20.67 4.39
C ASN A 229 11.44 20.87 3.17
N ASP A 230 11.65 21.99 2.52
CA ASP A 230 10.68 22.37 1.53
C ASP A 230 10.83 21.76 0.18
N GLN A 231 11.78 20.83 0.02
CA GLN A 231 11.99 20.12 -1.24
C GLN A 231 11.54 18.63 -1.29
N MET A 232 11.01 18.13 -0.19
CA MET A 232 10.38 16.79 -0.18
C MET A 232 9.63 16.40 -1.46
N LEU A 233 8.73 17.28 -1.87
CA LEU A 233 7.84 17.01 -2.97
C LEU A 233 8.29 17.63 -4.30
N GLU A 234 9.61 17.75 -4.46
CA GLU A 234 10.17 18.35 -5.64
C GLU A 234 9.94 17.48 -6.84
N GLY A 235 9.55 18.12 -7.93
CA GLY A 235 9.29 17.45 -9.19
C GLY A 235 8.11 16.49 -9.23
N LEU A 236 7.37 16.38 -8.11
CA LEU A 236 6.16 15.56 -8.04
C LEU A 236 5.03 16.43 -8.48
N THR A 237 5.06 16.71 -9.78
CA THR A 237 4.24 17.75 -10.36
C THR A 237 2.86 17.25 -10.64
N ASN A 238 2.73 15.93 -10.83
CA ASN A 238 1.43 15.39 -11.04
C ASN A 238 0.68 15.12 -9.76
N LEU A 239 1.26 15.48 -8.62
CA LEU A 239 0.55 15.22 -7.35
C LEU A 239 -0.78 15.89 -7.32
N THR A 240 -1.85 15.11 -7.04
CA THR A 240 -3.20 15.63 -6.92
C THR A 240 -3.78 15.51 -5.54
N THR A 241 -3.38 14.45 -4.83
CA THR A 241 -3.94 14.24 -3.50
C THR A 241 -2.77 14.10 -2.55
N LEU A 242 -2.78 14.89 -1.49
CA LEU A 242 -1.72 14.81 -0.43
C LEU A 242 -2.37 14.80 0.94
N ASN A 243 -2.16 13.69 1.70
CA ASN A 243 -2.70 13.59 3.04
C ASN A 243 -1.58 13.55 4.09
N LEU A 244 -1.42 14.67 4.82
CA LEU A 244 -0.40 14.85 5.84
C LEU A 244 -1.08 14.95 7.22
N SER A 245 -2.35 14.57 7.32
CA SER A 245 -3.07 14.68 8.54
C SER A 245 -2.43 13.85 9.67
N HIS A 246 -2.72 14.25 10.89
CA HIS A 246 -2.25 13.50 12.10
C HIS A 246 -0.73 13.31 12.05
N ASN A 247 -0.02 14.41 12.03
CA ASN A 247 1.45 14.45 12.14
C ASN A 247 1.75 15.63 13.10
N ASN A 248 2.98 16.10 13.11
CA ASN A 248 3.47 17.06 14.12
C ASN A 248 4.14 18.20 13.41
N LEU A 249 3.52 18.67 12.33
CA LEU A 249 4.11 19.73 11.49
C LEU A 249 4.07 21.16 12.07
N ALA A 250 3.35 21.35 13.15
CA ALA A 250 3.02 22.68 13.71
C ALA A 250 4.18 23.69 13.69
N ARG A 251 5.32 23.29 14.25
CA ARG A 251 6.44 24.23 14.43
C ARG A 251 6.88 24.84 13.11
N LEU A 252 6.74 24.07 12.02
CA LEU A 252 7.27 24.51 10.68
C LEU A 252 6.51 25.68 10.12
N TRP A 253 5.32 25.93 10.66
CA TRP A 253 4.45 27.06 10.20
C TRP A 253 4.43 28.28 11.14
N LYS A 254 5.26 28.27 12.17
CA LYS A 254 5.24 29.40 13.09
C LYS A 254 6.15 30.49 12.53
N HIS A 255 5.69 31.74 12.58
CA HIS A 255 6.52 32.87 12.10
C HIS A 255 7.87 32.89 12.82
N ALA A 256 7.90 32.56 14.11
CA ALA A 256 9.16 32.54 14.85
C ALA A 256 9.98 31.25 14.68
N ASN A 257 9.57 30.28 13.88
CA ASN A 257 10.43 29.20 13.53
C ASN A 257 11.82 29.74 13.08
N PRO A 258 12.91 29.25 13.66
CA PRO A 258 14.22 29.48 13.02
C PRO A 258 14.30 28.58 11.77
N GLY A 259 14.33 29.15 10.57
CA GLY A 259 14.45 30.61 10.30
C GLY A 259 13.44 30.97 9.20
N GLY A 260 12.17 31.08 9.60
CA GLY A 260 11.02 31.31 8.83
C GLY A 260 10.22 30.00 8.72
N PRO A 261 8.93 30.09 8.35
CA PRO A 261 8.12 28.92 7.97
C PRO A 261 8.80 28.13 6.84
N ILE A 262 8.52 26.82 6.79
CA ILE A 262 8.91 25.93 5.73
C ILE A 262 7.79 25.85 4.69
N TYR A 263 8.04 26.34 3.50
CA TYR A 263 7.04 26.42 2.42
C TYR A 263 7.00 25.12 1.57
N PHE A 264 6.61 24.02 2.25
CA PHE A 264 6.73 22.69 1.74
C PHE A 264 5.71 22.34 0.68
N LEU A 265 4.76 23.26 0.39
CA LEU A 265 3.73 23.04 -0.63
C LEU A 265 4.04 23.82 -1.94
N LYS A 266 5.25 24.35 -2.03
CA LYS A 266 5.60 25.17 -3.19
C LYS A 266 5.51 24.28 -4.42
N GLY A 267 5.01 24.83 -5.52
CA GLY A 267 5.05 24.22 -6.80
C GLY A 267 3.97 23.21 -7.12
N LEU A 268 3.07 22.92 -6.18
CA LEU A 268 2.06 21.89 -6.38
C LEU A 268 0.86 22.36 -7.12
N THR A 269 1.07 22.74 -8.40
CA THR A 269 0.03 23.44 -9.13
C THR A 269 -1.12 22.56 -9.57
N ASN A 270 -0.96 21.21 -9.47
CA ASN A 270 -1.99 20.24 -9.86
C ASN A 270 -2.76 19.64 -8.66
N LEU A 271 -2.31 19.99 -7.47
CA LEU A 271 -2.91 19.44 -6.21
C LEU A 271 -4.35 19.89 -6.09
N THR A 272 -5.26 18.94 -5.93
CA THR A 272 -6.68 19.21 -5.72
C THR A 272 -7.20 18.98 -4.32
N THR A 273 -6.58 18.01 -3.61
CA THR A 273 -7.03 17.56 -2.28
C THR A 273 -5.83 17.64 -1.38
N LEU A 274 -5.98 18.40 -0.31
CA LEU A 274 -4.94 18.54 0.70
C LEU A 274 -5.52 18.43 2.10
N ASN A 275 -5.02 17.44 2.87
CA ASN A 275 -5.49 17.22 4.23
C ASN A 275 -4.34 17.48 5.19
N LEU A 276 -4.46 18.59 5.91
CA LEU A 276 -3.49 19.04 6.92
C LEU A 276 -4.13 19.09 8.29
N SER A 277 -5.20 18.33 8.48
CA SER A 277 -5.87 18.28 9.75
C SER A 277 -5.01 17.64 10.85
N SER A 278 -5.32 17.93 12.11
CA SER A 278 -4.65 17.32 13.23
C SER A 278 -3.11 17.34 13.18
N ASN A 279 -2.54 18.56 13.06
CA ASN A 279 -1.10 18.74 13.06
C ASN A 279 -0.66 19.73 14.15
N GLY A 280 -1.63 20.19 14.94
CA GLY A 280 -1.30 21.18 15.98
C GLY A 280 -1.00 22.58 15.44
N PHE A 281 -1.35 22.85 14.19
CA PHE A 281 -1.00 24.18 13.63
C PHE A 281 -1.65 25.30 14.43
N ASP A 282 -0.83 26.27 14.87
CA ASP A 282 -1.34 27.46 15.61
C ASP A 282 -1.29 28.69 14.74
N GLU A 283 -0.73 28.54 13.52
CA GLU A 283 -0.59 29.65 12.58
C GLU A 283 -0.57 29.08 11.15
N ILE A 284 -1.10 29.88 10.22
CA ILE A 284 -0.93 29.60 8.81
C ILE A 284 -0.19 30.78 8.19
N PRO A 285 1.05 30.57 7.70
CA PRO A 285 1.75 31.64 6.93
C PRO A 285 0.95 32.10 5.71
N ARG A 286 1.05 33.40 5.45
CA ARG A 286 0.18 34.04 4.49
C ARG A 286 0.41 33.46 3.10
N GLU A 287 1.62 33.04 2.79
CA GLU A 287 1.90 32.63 1.41
C GLU A 287 1.94 31.15 1.24
N VAL A 288 1.53 30.37 2.24
CA VAL A 288 1.88 28.95 2.16
C VAL A 288 1.11 28.21 1.08
N PHE A 289 -0.02 28.75 0.66
CA PHE A 289 -0.85 28.08 -0.37
C PHE A 289 -0.78 28.75 -1.74
N LYS A 290 0.16 29.65 -1.91
CA LYS A 290 0.13 30.53 -3.05
C LYS A 290 0.23 29.85 -4.38
N ASP A 291 0.85 28.67 -4.42
CA ASP A 291 1.01 27.97 -5.69
C ASP A 291 -0.13 26.98 -6.00
N LEU A 292 -1.16 26.87 -5.15
CA LEU A 292 -2.09 25.70 -5.18
C LEU A 292 -3.29 26.03 -6.04
N THR A 293 -2.97 26.38 -7.29
CA THR A 293 -3.97 26.82 -8.26
C THR A 293 -5.14 25.91 -8.42
N SER A 294 -4.88 24.59 -8.39
CA SER A 294 -5.94 23.59 -8.61
C SER A 294 -6.72 23.15 -7.35
N LEU A 295 -6.32 23.65 -6.21
CA LEU A 295 -6.89 23.15 -4.95
C LEU A 295 -8.42 23.32 -4.90
N THR A 296 -9.09 22.23 -4.59
CA THR A 296 -10.50 22.11 -4.53
C THR A 296 -11.02 21.79 -3.10
N THR A 297 -10.28 20.93 -2.38
CA THR A 297 -10.64 20.55 -1.06
C THR A 297 -9.42 20.77 -0.14
N LEU A 298 -9.60 21.57 0.92
CA LEU A 298 -8.54 21.86 1.86
C LEU A 298 -9.06 21.60 3.28
N ASN A 299 -8.44 20.65 3.98
CA ASN A 299 -8.87 20.26 5.30
C ASN A 299 -7.87 20.74 6.31
N LEU A 300 -8.22 21.78 7.06
CA LEU A 300 -7.39 22.27 8.15
C LEU A 300 -8.02 22.08 9.53
N SER A 301 -8.98 21.15 9.61
CA SER A 301 -9.72 20.85 10.85
C SER A 301 -8.82 20.32 11.94
N ASN A 302 -9.32 20.49 13.15
CA ASN A 302 -8.69 19.85 14.33
C ASN A 302 -7.26 20.29 14.56
N ASN A 303 -7.02 21.58 14.31
CA ASN A 303 -5.79 22.24 14.66
C ASN A 303 -5.95 23.23 15.80
N GLN A 304 -5.01 24.17 15.90
CA GLN A 304 -5.06 25.16 16.96
C GLN A 304 -5.06 26.61 16.41
N LEU A 305 -5.81 26.81 15.36
CA LEU A 305 -5.77 28.10 14.64
C LEU A 305 -6.68 29.05 15.40
N THR A 306 -6.17 30.24 15.63
CA THR A 306 -6.93 31.34 16.30
C THR A 306 -7.14 32.53 15.39
N SER A 307 -6.38 32.63 14.33
CA SER A 307 -6.75 33.54 13.25
C SER A 307 -6.16 33.09 11.91
N LEU A 308 -6.50 33.83 10.88
CA LEU A 308 -6.00 33.53 9.54
C LEU A 308 -5.57 34.83 8.89
N PRO A 309 -4.39 34.84 8.25
CA PRO A 309 -3.98 36.11 7.65
C PRO A 309 -4.99 36.50 6.59
N GLN A 310 -5.18 37.81 6.42
CA GLN A 310 -6.11 38.35 5.44
C GLN A 310 -5.63 37.93 4.06
N GLY A 311 -6.53 37.38 3.26
CA GLY A 311 -6.19 36.94 1.88
C GLY A 311 -5.49 35.56 1.67
N VAL A 312 -5.34 34.82 2.75
CA VAL A 312 -4.58 33.55 2.68
C VAL A 312 -5.17 32.54 1.64
N PHE A 313 -6.46 32.62 1.37
CA PHE A 313 -7.15 31.68 0.48
C PHE A 313 -7.50 32.30 -0.87
N GLU A 314 -7.02 33.51 -1.13
CA GLU A 314 -7.56 34.27 -2.29
C GLU A 314 -7.05 33.84 -3.64
N ARG A 315 -5.82 33.35 -3.73
CA ARG A 315 -5.32 32.75 -4.97
C ARG A 315 -5.98 31.34 -5.24
N LEU A 316 -6.84 30.84 -4.34
CA LEU A 316 -7.41 29.47 -4.48
C LEU A 316 -8.81 29.52 -5.16
N THR A 317 -8.74 29.78 -6.45
CA THR A 317 -9.93 30.08 -7.23
C THR A 317 -10.84 28.89 -7.50
N ASN A 318 -10.33 27.64 -7.28
CA ASN A 318 -11.09 26.43 -7.51
C ASN A 318 -11.57 25.78 -6.23
N LEU A 319 -11.30 26.42 -5.11
CA LEU A 319 -11.58 25.87 -3.80
C LEU A 319 -13.09 25.74 -3.62
N LYS A 320 -13.54 24.52 -3.35
CA LYS A 320 -14.94 24.23 -3.10
C LYS A 320 -15.25 23.84 -1.69
N THR A 321 -14.32 23.15 -1.02
CA THR A 321 -14.54 22.67 0.34
C THR A 321 -13.36 23.09 1.20
N LEU A 322 -13.65 23.88 2.22
CA LEU A 322 -12.66 24.39 3.17
C LEU A 322 -13.14 23.97 4.56
N ASN A 323 -12.45 23.02 5.20
CA ASN A 323 -12.86 22.52 6.50
C ASN A 323 -11.96 23.14 7.55
N LEU A 324 -12.54 24.10 8.28
CA LEU A 324 -11.83 24.77 9.35
C LEU A 324 -12.39 24.35 10.74
N SER A 325 -13.17 23.28 10.78
CA SER A 325 -13.83 22.86 12.00
C SER A 325 -12.88 22.44 13.14
N ASN A 326 -13.32 22.72 14.36
CA ASN A 326 -12.62 22.39 15.58
C ASN A 326 -11.22 23.04 15.62
N ASN A 327 -11.19 24.33 15.31
CA ASN A 327 -10.10 25.20 15.59
C ASN A 327 -10.62 26.17 16.65
N GLN A 328 -9.91 27.27 16.90
CA GLN A 328 -10.37 28.29 17.87
C GLN A 328 -10.51 29.63 17.11
N LEU A 329 -11.24 29.52 16.00
CA LEU A 329 -11.44 30.61 15.02
C LEU A 329 -12.75 31.35 15.28
N GLN A 330 -12.89 32.55 14.72
CA GLN A 330 -14.09 33.44 14.93
C GLN A 330 -15.43 33.04 14.29
#